data_4OLM
#
_entry.id   4OLM
#
_cell.length_a   53.076
_cell.length_b   66.131
_cell.length_c   67.732
_cell.angle_alpha   90.00
_cell.angle_beta   90.00
_cell.angle_gamma   90.00
#
_symmetry.space_group_name_H-M   'P 21 21 21'
#
loop_
_entity.id
_entity.type
_entity.pdbx_description
1 polymer 'Androgen receptor'
2 polymer 'co-regulator peptide'
3 non-polymer R-BICALUTAMIDE
4 water water
#
loop_
_entity_poly.entity_id
_entity_poly.type
_entity_poly.pdbx_seq_one_letter_code
_entity_poly.pdbx_strand_id
1 'polypeptide(L)'
;QPIFLNVLEAIEPGVVCAGHDNNQPDSFAALLSSLNELGERQLVHVVKWAKALPGFRNLHVDDQMAVIQYSLMGLMVFAM
GWRSFTNVNSAMLYFAPDLVFNEYRMHKSRMYSQCVRMRHLSQEFGWLQITPQEFLCMKALLLFSIIPVDGLKNQKFFDE
LRMNYIKELDRIIACKRKNPTSCSRRFYQLTKLLDSVQPIARELHQFTFDLLIKSHMVSVDFPEMMAEIISVQVPKILSG
KVKPIYFHTQ
;
A
2 'polypeptide(L)' SDSAFSRYYTRS B
#
loop_
_chem_comp.id
_chem_comp.type
_chem_comp.name
_chem_comp.formula
198 non-polymer R-BICALUTAMIDE 'C18 H14 F4 N2 O4 S'
#
# COMPACT_ATOMS: atom_id res chain seq x y z
N PRO A 2 4.14 -24.86 -7.54
CA PRO A 2 4.70 -23.54 -7.17
C PRO A 2 4.15 -22.37 -8.01
N ILE A 3 3.41 -22.72 -9.07
CA ILE A 3 2.88 -21.80 -10.07
C ILE A 3 2.53 -20.43 -9.52
N PHE A 4 1.64 -20.40 -8.53
CA PHE A 4 1.17 -19.13 -7.96
C PHE A 4 2.31 -18.18 -7.57
N LEU A 5 3.42 -18.73 -7.07
CA LEU A 5 4.58 -17.94 -6.68
C LEU A 5 5.43 -17.62 -7.86
N ASN A 6 5.60 -18.61 -8.75
CA ASN A 6 6.23 -18.36 -10.04
C ASN A 6 5.73 -17.04 -10.57
N VAL A 7 4.41 -16.91 -10.53
CA VAL A 7 3.70 -15.71 -10.93
C VAL A 7 4.17 -14.49 -10.15
N LEU A 8 3.88 -14.49 -8.85
CA LEU A 8 4.08 -13.31 -8.05
C LEU A 8 5.53 -12.84 -8.14
N GLU A 9 6.47 -13.77 -8.03
CA GLU A 9 7.88 -13.46 -8.26
C GLU A 9 8.06 -12.77 -9.62
N ALA A 10 7.53 -13.38 -10.68
CA ALA A 10 7.69 -12.89 -12.06
C ALA A 10 7.13 -11.48 -12.22
N ILE A 11 5.92 -11.27 -11.71
CA ILE A 11 5.23 -10.00 -11.94
C ILE A 11 5.63 -8.93 -10.94
N GLU A 12 6.45 -9.28 -9.95
CA GLU A 12 6.81 -8.34 -8.87
C GLU A 12 7.50 -7.08 -9.45
N PRO A 13 6.93 -5.89 -9.21
CA PRO A 13 7.51 -4.74 -9.86
C PRO A 13 8.81 -4.38 -9.21
N GLY A 14 9.81 -3.97 -9.99
CA GLY A 14 11.08 -3.51 -9.45
C GLY A 14 10.97 -2.13 -8.83
N VAL A 15 11.76 -1.90 -7.77
CA VAL A 15 11.69 -0.66 -6.97
C VAL A 15 11.87 0.58 -7.83
N VAL A 16 11.04 1.60 -7.59
CA VAL A 16 11.03 2.84 -8.38
C VAL A 16 11.54 3.99 -7.52
N CYS A 17 12.09 5.01 -8.17
CA CYS A 17 12.61 6.16 -7.45
C CYS A 17 11.65 7.35 -7.46
N ALA A 18 11.89 8.25 -6.51
CA ALA A 18 11.09 9.46 -6.33
C ALA A 18 11.54 10.60 -7.25
N GLY A 19 12.84 10.63 -7.53
CA GLY A 19 13.48 11.72 -8.26
C GLY A 19 13.69 12.87 -7.31
N HIS A 20 13.86 12.54 -6.04
CA HIS A 20 13.89 13.54 -4.98
C HIS A 20 15.30 14.14 -4.91
N ASP A 21 15.41 15.40 -4.49
CA ASP A 21 16.72 16.11 -4.39
C ASP A 21 17.34 16.02 -2.97
N ASN A 22 18.22 15.05 -2.76
CA ASN A 22 18.88 14.87 -1.45
C ASN A 22 20.02 15.85 -1.19
N ASN A 23 20.23 16.78 -2.14
CA ASN A 23 21.18 17.88 -1.94
C ASN A 23 20.48 19.05 -1.25
N GLN A 24 19.23 19.33 -1.66
CA GLN A 24 18.41 20.41 -1.06
C GLN A 24 18.02 20.06 0.38
N PRO A 25 17.86 21.09 1.25
CA PRO A 25 17.47 20.78 2.64
C PRO A 25 16.12 20.09 2.75
N ASP A 26 15.97 19.27 3.77
CA ASP A 26 14.70 18.62 4.04
C ASP A 26 13.74 19.71 4.52
N SER A 27 12.59 19.79 3.86
CA SER A 27 11.48 20.61 4.34
C SER A 27 10.18 19.84 4.13
N PHE A 28 9.12 20.25 4.81
CA PHE A 28 7.83 19.63 4.60
C PHE A 28 7.44 19.56 3.12
N ALA A 29 7.42 20.71 2.44
CA ALA A 29 6.96 20.80 1.04
C ALA A 29 7.88 20.09 0.05
N ALA A 30 9.18 20.15 0.30
CA ALA A 30 10.14 19.40 -0.49
C ALA A 30 9.82 17.93 -0.37
N LEU A 31 9.65 17.47 0.87
CA LEU A 31 9.40 16.04 1.11
C LEU A 31 8.08 15.58 0.50
N LEU A 32 7.02 16.36 0.70
CA LEU A 32 5.69 15.89 0.32
C LEU A 32 5.27 16.12 -1.12
N SER A 33 6.13 16.73 -1.92
CA SER A 33 5.89 16.76 -3.37
C SER A 33 6.56 15.54 -4.02
N SER A 34 7.61 15.01 -3.37
CA SER A 34 8.23 13.74 -3.79
C SER A 34 7.42 12.50 -3.34
N LEU A 35 6.69 12.54 -2.23
CA LEU A 35 5.94 11.35 -1.88
C LEU A 35 4.64 11.22 -2.67
N ASN A 36 4.13 12.33 -3.23
CA ASN A 36 2.93 12.26 -4.11
C ASN A 36 3.32 11.84 -5.48
N GLU A 37 4.57 12.12 -5.85
CA GLU A 37 5.06 11.73 -7.16
C GLU A 37 5.42 10.27 -7.17
N LEU A 38 6.06 9.83 -6.06
CA LEU A 38 6.40 8.42 -5.80
C LEU A 38 5.16 7.55 -5.68
N GLY A 39 4.15 8.07 -4.97
CA GLY A 39 2.87 7.38 -4.87
C GLY A 39 2.26 7.09 -6.24
N GLU A 40 2.34 8.07 -7.13
CA GLU A 40 1.82 7.95 -8.51
C GLU A 40 2.67 7.02 -9.31
N ARG A 41 4.00 7.17 -9.15
CA ARG A 41 4.96 6.21 -9.69
C ARG A 41 4.67 4.79 -9.18
N GLN A 42 4.66 4.59 -7.87
CA GLN A 42 4.38 3.25 -7.32
C GLN A 42 3.01 2.77 -7.80
N LEU A 43 1.99 3.62 -7.74
CA LEU A 43 0.68 3.21 -8.27
C LEU A 43 0.73 2.67 -9.69
N VAL A 44 1.59 3.26 -10.52
CA VAL A 44 1.64 2.87 -11.93
C VAL A 44 2.19 1.47 -11.98
N HIS A 45 3.09 1.13 -11.05
CA HIS A 45 3.60 -0.25 -10.89
C HIS A 45 2.61 -1.19 -10.20
N VAL A 46 1.77 -0.65 -9.33
CA VAL A 46 0.68 -1.43 -8.73
C VAL A 46 -0.46 -1.80 -9.73
N VAL A 47 -0.62 -1.03 -10.80
CA VAL A 47 -1.64 -1.31 -11.84
C VAL A 47 -1.21 -2.48 -12.72
N LYS A 48 0.00 -2.33 -13.25
CA LYS A 48 0.61 -3.34 -14.07
C LYS A 48 0.54 -4.65 -13.30
N TRP A 49 1.28 -4.71 -12.17
CA TRP A 49 1.24 -5.79 -11.16
C TRP A 49 -0.12 -6.44 -11.01
N ALA A 50 -1.11 -5.63 -10.67
CA ALA A 50 -2.49 -6.11 -10.54
C ALA A 50 -3.05 -6.83 -11.78
N LYS A 51 -3.16 -6.14 -12.90
CA LYS A 51 -3.68 -6.74 -14.12
C LYS A 51 -3.20 -8.20 -14.32
N ALA A 52 -1.90 -8.45 -14.16
CA ALA A 52 -1.29 -9.79 -14.30
C ALA A 52 -1.47 -10.81 -13.11
N LEU A 53 -2.29 -10.46 -12.11
CA LEU A 53 -2.50 -11.34 -10.98
C LEU A 53 -3.33 -12.54 -11.33
N PRO A 54 -3.20 -13.60 -10.54
CA PRO A 54 -3.97 -14.83 -10.78
C PRO A 54 -5.48 -14.66 -10.55
N GLY A 55 -6.22 -14.51 -11.63
CA GLY A 55 -7.69 -14.44 -11.59
C GLY A 55 -8.27 -13.06 -11.33
N PHE A 56 -7.45 -12.03 -11.48
CA PHE A 56 -7.88 -10.68 -11.20
C PHE A 56 -8.69 -10.11 -12.38
N ARG A 57 -8.44 -10.60 -13.58
CA ARG A 57 -9.31 -10.33 -14.72
C ARG A 57 -10.64 -11.12 -14.66
N ASN A 58 -10.91 -11.79 -13.54
CA ASN A 58 -12.27 -12.26 -13.22
C ASN A 58 -13.24 -11.12 -13.17
N LEU A 59 -12.80 -10.06 -12.49
CA LEU A 59 -13.69 -9.06 -11.90
C LEU A 59 -14.23 -8.02 -12.88
N HIS A 60 -15.42 -7.53 -12.58
CA HIS A 60 -15.98 -6.38 -13.27
C HIS A 60 -14.90 -5.29 -13.23
N VAL A 61 -14.64 -4.68 -14.37
CA VAL A 61 -13.55 -3.72 -14.51
C VAL A 61 -13.62 -2.62 -13.43
N ASP A 62 -14.82 -2.30 -12.96
CA ASP A 62 -15.02 -1.29 -11.92
C ASP A 62 -14.55 -1.75 -10.55
N ASP A 63 -14.78 -3.03 -10.25
CA ASP A 63 -14.27 -3.68 -9.03
C ASP A 63 -12.75 -3.87 -9.07
N GLN A 64 -12.24 -4.26 -10.23
CA GLN A 64 -10.81 -4.24 -10.47
C GLN A 64 -10.23 -2.86 -10.10
N MET A 65 -10.95 -1.81 -10.48
CA MET A 65 -10.43 -0.46 -10.38
C MET A 65 -10.48 0.10 -8.96
N ALA A 66 -11.66 -0.03 -8.38
CA ALA A 66 -11.87 0.43 -7.02
C ALA A 66 -10.86 -0.22 -6.08
N VAL A 67 -10.88 -1.56 -6.05
CA VAL A 67 -10.05 -2.35 -5.16
C VAL A 67 -8.59 -1.89 -5.15
N ILE A 68 -8.09 -1.53 -6.32
CA ILE A 68 -6.77 -0.94 -6.40
C ILE A 68 -6.70 0.43 -5.71
N GLN A 69 -7.66 1.30 -6.00
CA GLN A 69 -7.64 2.65 -5.42
C GLN A 69 -7.84 2.53 -3.93
N TYR A 70 -8.66 1.58 -3.52
CA TYR A 70 -8.88 1.34 -2.10
C TYR A 70 -7.65 0.77 -1.40
N SER A 71 -7.05 -0.25 -1.97
CA SER A 71 -5.93 -0.92 -1.34
C SER A 71 -4.53 -0.35 -1.68
N LEU A 72 -4.47 0.78 -2.39
CA LEU A 72 -3.18 1.32 -2.92
C LEU A 72 -2.25 1.75 -1.82
N MET A 73 -2.73 2.61 -0.95
CA MET A 73 -1.88 3.09 0.16
C MET A 73 -1.32 1.93 1.00
N GLY A 74 -2.20 1.05 1.50
CA GLY A 74 -1.83 -0.06 2.39
C GLY A 74 -0.77 -0.98 1.80
N LEU A 75 -0.88 -1.26 0.50
CA LEU A 75 0.16 -2.00 -0.22
C LEU A 75 1.50 -1.27 -0.11
N MET A 76 1.52 0.02 -0.43
CA MET A 76 2.77 0.77 -0.63
C MET A 76 3.62 0.75 0.62
N VAL A 77 3.00 1.17 1.71
CA VAL A 77 3.46 0.87 3.06
C VAL A 77 4.05 -0.52 3.25
N PHE A 78 3.32 -1.54 2.80
CA PHE A 78 3.75 -2.90 3.02
C PHE A 78 5.10 -3.18 2.33
N ALA A 79 5.29 -2.68 1.09
CA ALA A 79 6.56 -2.91 0.34
C ALA A 79 7.64 -1.94 0.78
N MET A 80 7.17 -0.96 1.49
CA MET A 80 8.10 -0.11 2.20
C MET A 80 8.46 -0.82 3.52
N GLY A 81 7.45 -1.45 4.13
CA GLY A 81 7.68 -2.44 5.17
C GLY A 81 8.80 -3.39 4.79
N TRP A 82 8.72 -3.91 3.56
CA TRP A 82 9.78 -4.73 2.98
C TRP A 82 11.07 -3.95 2.72
N ARG A 83 11.00 -2.94 1.85
CA ARG A 83 12.17 -2.19 1.37
C ARG A 83 12.99 -1.61 2.56
N SER A 84 12.33 -0.95 3.51
CA SER A 84 13.02 -0.50 4.72
C SER A 84 13.72 -1.66 5.43
N PHE A 85 13.06 -2.82 5.51
CA PHE A 85 13.63 -3.97 6.25
C PHE A 85 14.80 -4.63 5.53
N THR A 86 14.64 -4.93 4.26
CA THR A 86 15.69 -5.64 3.50
C THR A 86 16.94 -4.82 3.21
N ASN A 87 16.81 -3.50 3.11
CA ASN A 87 17.90 -2.64 2.64
C ASN A 87 18.60 -1.91 3.74
N VAL A 88 17.85 -1.53 4.77
CA VAL A 88 18.39 -0.70 5.83
C VAL A 88 18.15 -1.33 7.22
N ASN A 89 17.70 -2.58 7.22
CA ASN A 89 17.38 -3.26 8.48
C ASN A 89 16.47 -2.47 9.43
N SER A 90 15.48 -1.75 8.87
CA SER A 90 14.45 -1.10 9.70
C SER A 90 14.97 0.04 10.56
N ALA A 91 16.17 0.53 10.29
CA ALA A 91 16.66 1.71 10.99
C ALA A 91 15.95 2.93 10.39
N MET A 92 15.65 2.85 9.08
CA MET A 92 15.14 3.99 8.31
C MET A 92 14.10 3.54 7.32
N LEU A 93 13.42 4.50 6.70
CA LEU A 93 12.35 4.17 5.77
C LEU A 93 12.81 4.27 4.32
N TYR A 94 12.70 3.15 3.60
CA TYR A 94 13.22 3.06 2.23
C TYR A 94 12.12 3.25 1.18
N PHE A 95 11.28 4.25 1.38
CA PHE A 95 10.25 4.61 0.40
C PHE A 95 10.86 4.46 -0.99
N ALA A 96 12.12 4.89 -1.08
CA ALA A 96 12.86 4.65 -2.30
C ALA A 96 14.33 4.84 -2.05
N PRO A 97 15.16 4.35 -2.97
CA PRO A 97 16.58 4.61 -2.87
C PRO A 97 16.90 6.09 -2.66
N ASP A 98 16.24 6.97 -3.44
CA ASP A 98 16.50 8.43 -3.41
C ASP A 98 15.59 9.20 -2.46
N LEU A 99 15.05 8.50 -1.48
CA LEU A 99 14.16 9.12 -0.50
C LEU A 99 14.01 8.23 0.73
N VAL A 100 15.14 7.78 1.27
CA VAL A 100 15.13 6.91 2.42
C VAL A 100 14.87 7.96 3.49
N PHE A 101 14.06 7.62 4.49
CA PHE A 101 13.65 8.57 5.52
C PHE A 101 14.39 8.36 6.84
N ASN A 102 14.74 9.47 7.48
CA ASN A 102 15.31 9.44 8.82
C ASN A 102 14.26 10.05 9.75
N GLU A 103 14.66 10.36 10.98
CA GLU A 103 13.79 10.98 11.96
C GLU A 103 13.47 12.43 11.79
N TYR A 104 14.44 13.13 11.20
CA TYR A 104 14.35 14.53 10.82
C TYR A 104 13.35 14.69 9.65
N ARG A 105 13.57 13.93 8.58
CA ARG A 105 12.61 13.85 7.52
C ARG A 105 11.23 13.43 7.99
N MET A 106 11.16 12.37 8.79
CA MET A 106 9.92 11.95 9.47
C MET A 106 9.19 13.09 10.19
N HIS A 107 9.95 14.00 10.76
CA HIS A 107 9.36 15.14 11.44
CA HIS A 107 9.41 15.16 11.45
C HIS A 107 9.15 16.32 10.50
N LYS A 108 10.10 16.56 9.60
CA LYS A 108 9.95 17.67 8.66
C LYS A 108 8.72 17.46 7.82
N SER A 109 8.52 16.22 7.38
CA SER A 109 7.32 15.79 6.68
C SER A 109 6.02 15.91 7.47
N ARG A 110 6.08 16.28 8.75
CA ARG A 110 4.88 16.39 9.59
C ARG A 110 4.03 15.11 9.56
N MET A 111 4.69 13.98 9.39
CA MET A 111 4.04 12.67 9.28
C MET A 111 4.60 11.75 10.36
N TYR A 112 5.13 12.30 11.44
CA TYR A 112 5.97 11.51 12.36
C TYR A 112 5.31 10.23 12.93
N SER A 113 4.10 10.36 13.49
CA SER A 113 3.38 9.22 14.04
C SER A 113 3.30 8.08 13.04
N GLN A 114 2.57 8.29 11.96
CA GLN A 114 2.37 7.22 10.98
C GLN A 114 3.71 6.65 10.60
N CYS A 115 4.76 7.47 10.73
CA CYS A 115 6.07 7.06 10.31
C CYS A 115 6.77 6.17 11.31
N VAL A 116 6.57 6.41 12.60
CA VAL A 116 7.03 5.45 13.62
C VAL A 116 6.30 4.15 13.39
N ARG A 117 4.97 4.24 13.33
CA ARG A 117 4.16 3.09 13.02
C ARG A 117 4.75 2.26 11.88
N MET A 118 5.09 2.91 10.76
CA MET A 118 5.67 2.22 9.60
C MET A 118 7.05 1.59 9.83
N ARG A 119 7.84 2.11 10.77
CA ARG A 119 9.16 1.49 11.06
C ARG A 119 8.92 0.29 11.94
N HIS A 120 8.04 0.46 12.93
CA HIS A 120 7.59 -0.62 13.76
C HIS A 120 7.18 -1.80 12.87
N LEU A 121 6.40 -1.52 11.83
CA LEU A 121 6.05 -2.52 10.83
C LEU A 121 7.34 -3.13 10.32
N SER A 122 8.27 -2.29 9.89
CA SER A 122 9.47 -2.78 9.24
C SER A 122 10.29 -3.60 10.23
N GLN A 123 10.26 -3.16 11.47
CA GLN A 123 10.84 -3.91 12.58
C GLN A 123 10.17 -5.27 12.68
N GLU A 124 8.83 -5.29 12.74
CA GLU A 124 8.08 -6.56 12.75
C GLU A 124 8.31 -7.39 11.51
N PHE A 125 8.95 -6.86 10.48
CA PHE A 125 9.25 -7.69 9.32
C PHE A 125 10.39 -8.60 9.72
N GLY A 126 11.37 -8.02 10.43
CA GLY A 126 12.54 -8.74 10.93
C GLY A 126 12.22 -9.61 12.15
N TRP A 127 11.48 -9.07 13.11
CA TRP A 127 11.19 -9.81 14.32
C TRP A 127 10.74 -11.19 13.91
N LEU A 128 9.90 -11.22 12.89
CA LEU A 128 9.09 -12.39 12.54
C LEU A 128 9.57 -13.23 11.37
N GLN A 129 10.88 -13.21 11.10
CA GLN A 129 11.44 -14.09 10.08
C GLN A 129 10.71 -13.96 8.74
N ILE A 130 10.17 -12.78 8.42
CA ILE A 130 9.27 -12.65 7.26
C ILE A 130 10.00 -12.96 5.96
N THR A 131 9.59 -14.04 5.33
CA THR A 131 10.23 -14.50 4.10
C THR A 131 9.65 -13.75 2.90
N PRO A 132 10.35 -13.81 1.76
CA PRO A 132 9.92 -13.06 0.58
C PRO A 132 8.65 -13.58 -0.06
N GLN A 133 8.49 -14.90 -0.11
CA GLN A 133 7.28 -15.52 -0.62
C GLN A 133 6.10 -15.17 0.30
N GLU A 134 6.36 -15.18 1.61
CA GLU A 134 5.35 -14.77 2.56
C GLU A 134 4.99 -13.35 2.27
N PHE A 135 6.00 -12.58 1.93
CA PHE A 135 5.81 -11.17 1.60
C PHE A 135 4.97 -10.94 0.33
N LEU A 136 5.21 -11.73 -0.71
CA LEU A 136 4.52 -11.53 -1.99
C LEU A 136 3.02 -11.79 -1.88
N CYS A 137 2.65 -12.88 -1.19
CA CYS A 137 1.25 -13.30 -1.06
CA CYS A 137 1.25 -13.32 -1.05
C CYS A 137 0.52 -12.54 0.03
N MET A 138 1.27 -11.97 0.96
CA MET A 138 0.69 -11.09 1.94
C MET A 138 0.38 -9.82 1.13
N LYS A 139 1.40 -9.26 0.49
CA LYS A 139 1.17 -8.11 -0.39
C LYS A 139 0.06 -8.34 -1.42
N ALA A 140 0.04 -9.51 -2.06
CA ALA A 140 -1.03 -9.85 -2.98
C ALA A 140 -2.41 -9.80 -2.32
N LEU A 141 -2.54 -10.51 -1.22
CA LEU A 141 -3.71 -10.44 -0.39
C LEU A 141 -4.27 -9.04 -0.15
N LEU A 142 -3.39 -8.10 0.18
CA LEU A 142 -3.79 -6.74 0.59
C LEU A 142 -4.66 -6.05 -0.45
N LEU A 143 -4.38 -6.32 -1.73
CA LEU A 143 -5.21 -5.81 -2.82
C LEU A 143 -6.68 -6.12 -2.60
N PHE A 144 -6.97 -7.33 -2.13
CA PHE A 144 -8.33 -7.76 -1.81
C PHE A 144 -8.69 -7.56 -0.33
N SER A 145 -8.09 -6.56 0.33
CA SER A 145 -8.41 -6.27 1.75
C SER A 145 -9.28 -5.03 2.02
N ILE A 146 -10.01 -4.54 1.02
CA ILE A 146 -10.90 -3.40 1.27
C ILE A 146 -12.06 -3.21 0.28
N ILE A 147 -13.27 -3.28 0.84
CA ILE A 147 -14.54 -3.42 0.12
C ILE A 147 -15.58 -2.35 0.52
N PRO A 148 -16.49 -1.99 -0.41
CA PRO A 148 -17.74 -1.43 0.11
C PRO A 148 -18.42 -2.48 0.99
N VAL A 149 -18.95 -2.07 2.14
CA VAL A 149 -19.75 -3.01 2.97
C VAL A 149 -21.11 -3.14 2.27
N ASP A 150 -21.38 -2.20 1.37
CA ASP A 150 -22.35 -2.32 0.28
C ASP A 150 -21.99 -3.46 -0.70
N GLY A 151 -20.83 -4.09 -0.51
CA GLY A 151 -20.34 -5.11 -1.42
C GLY A 151 -19.99 -4.60 -2.82
N LEU A 152 -19.39 -5.49 -3.60
CA LEU A 152 -18.91 -5.16 -4.94
C LEU A 152 -19.97 -5.49 -5.97
N LYS A 153 -19.77 -5.02 -7.20
CA LYS A 153 -20.65 -5.37 -8.32
C LYS A 153 -20.61 -6.90 -8.54
N ASN A 154 -19.40 -7.45 -8.57
CA ASN A 154 -19.20 -8.89 -8.71
C ASN A 154 -18.53 -9.16 -7.37
N GLN A 155 -19.31 -9.61 -6.41
CA GLN A 155 -18.85 -9.79 -5.04
C GLN A 155 -18.55 -11.29 -4.87
N LYS A 156 -19.08 -12.11 -5.75
CA LYS A 156 -19.01 -13.56 -5.58
C LYS A 156 -17.63 -14.02 -6.05
N PHE A 157 -17.22 -13.56 -7.25
CA PHE A 157 -15.85 -13.75 -7.76
C PHE A 157 -14.82 -13.33 -6.72
N PHE A 158 -15.00 -12.14 -6.15
CA PHE A 158 -14.10 -11.58 -5.14
C PHE A 158 -14.01 -12.49 -3.90
N ASP A 159 -15.15 -12.88 -3.36
CA ASP A 159 -15.22 -13.75 -2.16
C ASP A 159 -14.31 -14.98 -2.36
N GLU A 160 -14.44 -15.58 -3.55
CA GLU A 160 -13.77 -16.84 -3.89
C GLU A 160 -12.32 -16.57 -4.25
N LEU A 161 -12.08 -15.51 -5.03
CA LEU A 161 -10.71 -15.16 -5.39
C LEU A 161 -9.87 -14.98 -4.15
N ARG A 162 -10.37 -14.15 -3.22
CA ARG A 162 -9.70 -13.89 -1.93
C ARG A 162 -9.45 -15.18 -1.15
N MET A 163 -10.44 -16.07 -1.13
CA MET A 163 -10.32 -17.38 -0.44
C MET A 163 -9.08 -18.17 -0.85
N ASN A 164 -8.74 -18.08 -2.15
CA ASN A 164 -7.61 -18.80 -2.72
C ASN A 164 -6.26 -18.17 -2.41
N TYR A 165 -6.17 -16.85 -2.47
CA TYR A 165 -4.92 -16.16 -2.17
C TYR A 165 -4.46 -16.45 -0.73
N ILE A 166 -5.42 -16.65 0.17
CA ILE A 166 -5.19 -17.07 1.56
C ILE A 166 -4.78 -18.56 1.65
N LYS A 167 -5.53 -19.40 0.96
CA LYS A 167 -5.14 -20.80 0.78
C LYS A 167 -3.69 -20.90 0.31
N GLU A 168 -3.26 -19.98 -0.56
CA GLU A 168 -1.87 -19.94 -1.01
C GLU A 168 -0.96 -19.57 0.14
N LEU A 169 -1.45 -18.69 1.02
CA LEU A 169 -0.69 -18.28 2.19
C LEU A 169 -0.66 -19.35 3.33
N ASP A 170 -1.64 -20.26 3.34
CA ASP A 170 -1.58 -21.42 4.22
C ASP A 170 -0.43 -22.33 3.81
N ARG A 171 -0.29 -22.48 2.49
CA ARG A 171 0.67 -23.41 1.92
C ARG A 171 2.13 -22.91 2.01
N ILE A 172 2.34 -21.60 1.97
CA ILE A 172 3.69 -21.03 2.07
C ILE A 172 4.30 -21.31 3.43
N ILE A 173 3.44 -21.54 4.41
CA ILE A 173 3.85 -21.83 5.76
C ILE A 173 4.15 -23.33 5.93
N ALA A 174 3.31 -24.16 5.32
CA ALA A 174 3.46 -25.60 5.35
C ALA A 174 4.74 -26.06 4.65
N CYS A 183 1.60 -25.22 13.08
CA CYS A 183 1.65 -24.39 11.88
C CYS A 183 0.81 -23.11 12.07
N SER A 184 -0.41 -23.27 12.61
CA SER A 184 -1.37 -22.18 12.82
C SER A 184 -0.87 -21.01 13.66
N ARG A 185 0.17 -21.27 14.45
CA ARG A 185 0.82 -20.23 15.22
C ARG A 185 1.24 -19.07 14.31
N ARG A 186 1.86 -19.39 13.18
CA ARG A 186 2.46 -18.42 12.26
C ARG A 186 1.43 -17.50 11.61
N PHE A 187 0.41 -18.13 11.03
CA PHE A 187 -0.74 -17.47 10.43
C PHE A 187 -1.20 -16.29 11.29
N TYR A 188 -1.62 -16.57 12.51
CA TYR A 188 -2.07 -15.54 13.45
C TYR A 188 -1.21 -14.30 13.37
N GLN A 189 0.10 -14.49 13.30
CA GLN A 189 1.03 -13.37 13.34
C GLN A 189 0.99 -12.62 12.03
N LEU A 190 1.09 -13.37 10.94
CA LEU A 190 1.07 -12.81 9.59
C LEU A 190 -0.23 -12.01 9.40
N THR A 191 -1.34 -12.72 9.43
CA THR A 191 -2.62 -12.07 9.53
C THR A 191 -2.47 -10.81 10.43
N LYS A 192 -2.25 -11.02 11.72
CA LYS A 192 -2.07 -9.91 12.65
C LYS A 192 -1.32 -8.73 12.02
N LEU A 193 -0.33 -9.02 11.17
CA LEU A 193 0.52 -8.01 10.55
C LEU A 193 -0.23 -7.31 9.37
N LEU A 194 -0.60 -8.13 8.38
CA LEU A 194 -1.57 -7.70 7.39
C LEU A 194 -2.61 -6.79 8.06
N ASP A 195 -3.11 -7.18 9.23
CA ASP A 195 -4.05 -6.29 9.97
C ASP A 195 -3.39 -5.00 10.51
N SER A 196 -2.07 -5.00 10.65
CA SER A 196 -1.43 -3.85 11.26
C SER A 196 -1.17 -2.78 10.23
N VAL A 197 -1.39 -3.14 8.97
CA VAL A 197 -1.26 -2.21 7.84
C VAL A 197 -2.37 -1.14 7.84
N GLN A 198 -3.60 -1.58 8.10
CA GLN A 198 -4.79 -0.76 7.89
C GLN A 198 -4.79 0.50 8.78
N PRO A 199 -4.66 0.36 10.11
CA PRO A 199 -4.67 1.58 10.93
C PRO A 199 -3.76 2.66 10.38
N ILE A 200 -2.61 2.21 9.88
CA ILE A 200 -1.61 3.13 9.30
C ILE A 200 -2.16 3.77 8.02
N ALA A 201 -2.37 2.94 7.00
CA ALA A 201 -3.02 3.37 5.78
C ALA A 201 -4.24 4.26 6.04
N ARG A 202 -4.82 4.14 7.23
CA ARG A 202 -5.94 4.97 7.56
C ARG A 202 -5.37 6.32 7.95
N GLU A 203 -4.42 6.31 8.86
CA GLU A 203 -3.88 7.56 9.39
C GLU A 203 -3.26 8.43 8.30
N LEU A 204 -2.72 7.75 7.30
CA LEU A 204 -2.02 8.39 6.23
C LEU A 204 -3.13 8.97 5.38
N HIS A 205 -4.08 8.12 5.00
CA HIS A 205 -5.23 8.58 4.24
C HIS A 205 -5.84 9.85 4.85
N GLN A 206 -5.78 9.97 6.16
CA GLN A 206 -6.33 11.12 6.85
C GLN A 206 -5.48 12.35 6.56
N PHE A 207 -4.17 12.12 6.57
CA PHE A 207 -3.19 13.18 6.45
C PHE A 207 -3.16 13.69 5.03
N THR A 208 -3.24 12.73 4.12
CA THR A 208 -3.28 12.97 2.70
C THR A 208 -4.48 13.81 2.38
N PHE A 209 -5.63 13.29 2.74
CA PHE A 209 -6.88 14.01 2.57
C PHE A 209 -6.69 15.45 3.01
N ASP A 210 -6.42 15.63 4.30
CA ASP A 210 -6.24 16.95 4.89
C ASP A 210 -5.20 17.73 4.12
N LEU A 211 -4.18 17.02 3.65
CA LEU A 211 -3.09 17.70 2.98
C LEU A 211 -3.55 18.20 1.62
N LEU A 212 -4.32 17.39 0.91
CA LEU A 212 -4.93 17.84 -0.30
C LEU A 212 -5.73 19.08 0.02
N ILE A 213 -6.65 18.94 0.96
CA ILE A 213 -7.54 20.03 1.30
C ILE A 213 -6.75 21.33 1.45
N LYS A 214 -5.65 21.30 2.21
CA LYS A 214 -4.84 22.50 2.48
C LYS A 214 -3.71 22.67 1.45
N SER A 215 -3.73 21.87 0.38
CA SER A 215 -2.58 21.83 -0.57
C SER A 215 -2.18 23.20 -1.14
N HIS A 216 -3.18 23.99 -1.58
CA HIS A 216 -2.89 25.30 -2.17
C HIS A 216 -2.17 26.25 -1.20
N MET A 217 -2.30 26.03 0.10
CA MET A 217 -1.77 26.96 1.12
C MET A 217 -0.31 26.70 1.55
N VAL A 218 0.13 25.43 1.55
CA VAL A 218 1.49 25.06 2.05
C VAL A 218 2.50 24.62 0.97
N SER A 219 2.22 24.95 -0.29
CA SER A 219 3.20 24.85 -1.36
C SER A 219 3.62 23.41 -1.69
N VAL A 220 2.64 22.49 -1.74
CA VAL A 220 2.89 21.04 -1.95
C VAL A 220 2.15 20.56 -3.21
N ASP A 221 2.86 19.84 -4.10
CA ASP A 221 2.38 19.52 -5.47
C ASP A 221 1.74 18.13 -5.65
N PHE A 222 0.45 18.12 -6.00
CA PHE A 222 -0.30 16.89 -6.21
C PHE A 222 -0.44 16.54 -7.67
N PRO A 223 -0.15 15.28 -8.04
CA PRO A 223 -0.29 14.93 -9.44
C PRO A 223 -1.75 14.93 -9.88
N GLU A 224 -2.01 15.53 -11.04
CA GLU A 224 -3.37 15.67 -11.56
C GLU A 224 -4.23 14.42 -11.33
N MET A 225 -3.58 13.29 -11.12
CA MET A 225 -4.31 12.03 -10.93
C MET A 225 -4.55 11.67 -9.48
N MET A 226 -3.57 11.94 -8.61
CA MET A 226 -3.68 11.53 -7.20
C MET A 226 -4.77 12.28 -6.46
N ALA A 227 -4.98 13.54 -6.85
CA ALA A 227 -6.04 14.40 -6.33
C ALA A 227 -7.42 13.80 -6.56
N GLU A 228 -7.60 13.11 -7.68
CA GLU A 228 -8.86 12.45 -7.97
C GLU A 228 -9.10 11.44 -6.87
N ILE A 229 -8.19 10.46 -6.79
CA ILE A 229 -8.32 9.34 -5.86
C ILE A 229 -8.52 9.82 -4.42
N ILE A 230 -7.73 10.80 -4.04
CA ILE A 230 -7.86 11.41 -2.74
C ILE A 230 -9.21 12.07 -2.53
N SER A 231 -9.81 12.62 -3.58
CA SER A 231 -11.03 13.43 -3.39
C SER A 231 -12.28 12.61 -3.66
N VAL A 232 -12.14 11.52 -4.38
CA VAL A 232 -13.31 10.75 -4.83
C VAL A 232 -13.38 9.37 -4.15
N GLN A 233 -12.26 8.65 -4.15
CA GLN A 233 -12.21 7.29 -3.59
C GLN A 233 -11.72 7.21 -2.12
N VAL A 234 -10.66 7.94 -1.79
CA VAL A 234 -10.14 7.99 -0.40
C VAL A 234 -11.32 8.28 0.56
N PRO A 235 -12.13 9.34 0.30
CA PRO A 235 -13.15 9.72 1.29
C PRO A 235 -14.24 8.68 1.60
N LYS A 236 -14.43 7.70 0.72
CA LYS A 236 -15.39 6.62 0.97
C LYS A 236 -14.89 5.75 2.12
N ILE A 237 -13.58 5.60 2.19
CA ILE A 237 -12.91 4.95 3.28
C ILE A 237 -13.07 5.71 4.58
N LEU A 238 -12.84 7.03 4.52
CA LEU A 238 -12.90 7.87 5.72
C LEU A 238 -14.31 8.08 6.25
N SER A 239 -15.30 8.11 5.36
CA SER A 239 -16.71 8.19 5.78
C SER A 239 -17.26 6.83 6.26
N GLY A 240 -16.50 5.74 6.08
CA GLY A 240 -16.95 4.44 6.54
C GLY A 240 -17.84 3.72 5.55
N LYS A 241 -17.82 4.20 4.31
CA LYS A 241 -18.61 3.57 3.27
C LYS A 241 -17.86 2.38 2.73
N VAL A 242 -16.53 2.47 2.82
CA VAL A 242 -15.61 1.46 2.31
C VAL A 242 -14.65 1.01 3.41
N LYS A 243 -14.82 -0.24 3.87
CA LYS A 243 -14.09 -0.75 5.05
C LYS A 243 -12.97 -1.72 4.75
N PRO A 244 -11.95 -1.74 5.62
CA PRO A 244 -10.94 -2.82 5.63
C PRO A 244 -11.59 -4.12 6.05
N ILE A 245 -11.18 -5.22 5.44
CA ILE A 245 -11.49 -6.55 5.96
C ILE A 245 -10.37 -7.00 6.87
N TYR A 246 -10.64 -7.02 8.17
CA TYR A 246 -9.64 -7.48 9.15
C TYR A 246 -9.70 -8.99 9.33
N PHE A 247 -8.58 -9.57 9.71
CA PHE A 247 -8.61 -10.99 10.08
C PHE A 247 -9.12 -11.13 11.51
N HIS A 248 -8.76 -10.17 12.36
CA HIS A 248 -8.98 -10.25 13.81
C HIS A 248 -9.88 -9.19 14.41
N THR A 249 -10.41 -9.50 15.60
CA THR A 249 -11.39 -8.72 16.38
C THR A 249 -12.65 -8.34 15.59
N ASP B 2 -14.79 8.27 -18.54
CA ASP B 2 -15.09 9.27 -17.46
C ASP B 2 -13.84 9.63 -16.65
N SER B 3 -13.66 9.04 -15.46
CA SER B 3 -12.63 9.46 -14.49
C SER B 3 -11.22 9.13 -15.00
N ALA B 4 -10.24 9.86 -14.50
CA ALA B 4 -8.85 9.68 -14.92
C ALA B 4 -8.28 8.30 -14.57
N PHE B 5 -8.63 7.74 -13.40
CA PHE B 5 -8.15 6.42 -13.06
C PHE B 5 -8.81 5.33 -13.91
N SER B 6 -10.09 5.48 -14.23
CA SER B 6 -10.76 4.53 -15.13
C SER B 6 -10.31 4.66 -16.59
N ARG B 7 -10.00 5.88 -17.02
CA ARG B 7 -9.39 6.13 -18.33
C ARG B 7 -8.11 5.32 -18.52
N TYR B 8 -7.13 5.54 -17.64
CA TYR B 8 -5.79 4.87 -17.70
C TYR B 8 -5.88 3.35 -17.70
N TYR B 9 -6.96 2.81 -17.14
CA TYR B 9 -7.16 1.39 -16.97
C TYR B 9 -7.88 0.78 -18.17
C16 198 C . -1.42 7.56 -1.56
C17 198 C . -2.48 6.67 -1.43
C18 198 C . -3.71 6.98 -1.95
F18 198 C . -4.75 6.14 -1.83
C19 198 C . -3.91 8.18 -2.62
C20 198 C . -2.86 9.07 -2.76
C15 198 C . -1.61 8.75 -2.23
S14 198 C . -0.41 9.75 -2.39
O14 198 C . 0.83 9.09 -2.73
O15 198 C . -0.76 10.72 -3.40
C13 198 C . -0.22 10.47 -0.91
C11 198 C . 1.25 10.54 -0.49
O11 198 C . 1.96 11.00 -1.64
C12 198 C . 1.43 11.52 0.66
C10 198 C . 1.84 9.21 -0.05
O10 198 C . 1.36 8.52 0.82
N9 198 C . 2.98 8.91 -0.69
C1 198 C . 3.71 7.82 -0.48
C2 198 C . 3.51 6.98 0.60
C6 198 C . 4.66 7.51 -1.43
C5 198 C . 5.43 6.37 -1.36
C4 198 C . 5.28 5.50 -0.29
C8 198 C . 5.98 4.43 -0.27
N8 198 C . 6.59 3.46 -0.28
C3 198 C . 4.26 5.82 0.73
C7 198 C . 4.02 4.93 1.90
F7B 198 C . 3.01 4.11 1.63
F7C 198 C . 5.11 4.21 2.07
F7A 198 C . 3.77 5.71 2.97
#